data_3PCR
#
_entry.id   3PCR
#
_cell.length_a   104.566
_cell.length_b   104.566
_cell.length_c   98.238
_cell.angle_alpha   90.000
_cell.angle_beta   90.000
_cell.angle_gamma   90.000
#
_symmetry.space_group_name_H-M   'P 43 21 2'
#
loop_
_entity.id
_entity.type
_entity.pdbx_description
1 polymer EspG
2 polymer 'ADP-ribosylation factor 6'
3 non-polymer "GUANOSINE-5'-TRIPHOSPHATE"
4 non-polymer 'MAGNESIUM ION'
5 water water
#
loop_
_entity_poly.entity_id
_entity_poly.type
_entity_poly.pdbx_seq_one_letter_code
_entity_poly.pdbx_strand_id
1 'polypeptide(L)'
;KKSWDE(MSE)SCAEKLFKVLSFGLWNPTYSRSERQSFQELLTVLEPVYPLPNELGRVSARFSDGSSLRISVTNSELVEA
EIRTANNEKITVLLESNEQNRLLQSLPIDRH(MSE)PYIQVHRALSE(MSE)DLTDTTS(MSE)RNLLGFTSKLSTTLIP
HNAQTDPLSGPTPFSSIF(MSE)DTCRGLGNAKLSLNGVDIPANAQKLLRDALGLKDTHSSPTRNVIDHGISRHDAEQIA
RESSGSDKQKAEVVEFLCHPEAATAICSAFYQSFNVPALTLTHERISKASEYNAERSLDTPNACINISISQSSDGNIYVT
SHTGVLI(MSE)APEDRPNE(MSE)G(MSE)LTNRTSYEVPQGVKCIIDE(MSE)VSALQPRYAASETYLQNT
;
A
2 'polypeptide(L)'
;(MSE)RIL(MSE)LGLDAAGKTTILYKLKLGQSVTTIPTVGFNVETVTYKNVKFNVWDVGGQDKIRPLWRHYYTGTQGLI
FVVDCADRDRIDEARQELHRIINDRE(MSE)RDAIILIFANKQDLPDA(MSE)KPHEIQEKLGLTRIRDRNWYVQPSCAT
SGDGLYEGLTWLTSNYKS
;
B
#
loop_
_chem_comp.id
_chem_comp.type
_chem_comp.name
_chem_comp.formula
GTP non-polymer GUANOSINE-5'-TRIPHOSPHATE 'C10 H16 N5 O14 P3'
MG non-polymer 'MAGNESIUM ION' 'Mg 2'
#
# COMPACT_ATOMS: atom_id res chain seq x y z
N GLU A 6 5.89 -24.57 -26.34
CA GLU A 6 6.35 -25.74 -25.60
C GLU A 6 5.91 -25.65 -24.15
N MSE A 7 5.68 -24.43 -23.69
CA MSE A 7 5.14 -24.21 -22.35
C MSE A 7 3.71 -23.71 -22.39
O MSE A 7 3.28 -23.10 -23.36
CB MSE A 7 5.99 -23.20 -21.58
CG MSE A 7 7.12 -23.81 -20.80
SE MSE A 7 8.39 -22.45 -20.25
CE MSE A 7 9.83 -23.60 -19.65
N SER A 8 2.98 -23.99 -21.32
CA SER A 8 1.66 -23.41 -21.16
C SER A 8 1.87 -22.02 -20.59
N CYS A 9 0.93 -21.11 -20.88
CA CYS A 9 0.95 -19.76 -20.33
C CYS A 9 1.23 -19.80 -18.83
N ALA A 10 0.57 -20.72 -18.12
CA ALA A 10 0.75 -20.86 -16.67
C ALA A 10 2.20 -21.18 -16.25
N GLU A 11 2.89 -21.99 -17.04
CA GLU A 11 4.29 -22.30 -16.73
C GLU A 11 5.19 -21.10 -17.00
N LYS A 12 5.00 -20.47 -18.15
CA LYS A 12 5.71 -19.23 -18.52
C LYS A 12 5.61 -18.13 -17.45
N LEU A 13 4.39 -17.84 -16.99
CA LEU A 13 4.18 -16.80 -16.01
C LEU A 13 4.97 -17.10 -14.74
N PHE A 14 4.88 -18.33 -14.26
CA PHE A 14 5.50 -18.64 -13.01
C PHE A 14 7.01 -18.56 -13.14
N LYS A 15 7.51 -19.00 -14.27
CA LYS A 15 8.96 -18.89 -14.54
C LYS A 15 9.41 -17.45 -14.58
N VAL A 16 8.73 -16.64 -15.38
CA VAL A 16 8.93 -15.20 -15.36
C VAL A 16 8.78 -14.64 -13.93
N LEU A 17 7.66 -14.90 -13.28
CA LEU A 17 7.51 -14.44 -11.89
C LEU A 17 8.70 -14.85 -11.00
N SER A 18 9.21 -16.06 -11.23
CA SER A 18 10.29 -16.66 -10.45
C SER A 18 11.65 -16.05 -10.76
N PHE A 19 11.94 -15.85 -12.05
CA PHE A 19 13.23 -15.34 -12.43
C PHE A 19 13.40 -13.93 -11.92
N GLY A 20 12.35 -13.15 -12.07
CA GLY A 20 12.42 -11.74 -11.79
C GLY A 20 11.58 -11.05 -12.83
N LEU A 21 10.45 -10.54 -12.40
CA LEU A 21 9.55 -9.83 -13.28
C LEU A 21 10.14 -8.47 -13.68
N TRP A 22 11.29 -8.12 -13.08
CA TRP A 22 11.97 -6.87 -13.41
C TRP A 22 13.35 -7.07 -14.07
N ASN A 23 14.08 -8.11 -13.67
CA ASN A 23 15.39 -8.41 -14.22
C ASN A 23 15.52 -7.97 -15.67
N PRO A 24 16.17 -6.80 -15.88
CA PRO A 24 16.29 -6.00 -17.10
C PRO A 24 16.91 -6.73 -18.29
N THR A 25 16.17 -7.63 -18.94
CA THR A 25 16.72 -8.36 -20.07
C THR A 25 15.73 -8.54 -21.21
N TYR A 26 14.45 -8.52 -20.88
CA TYR A 26 13.41 -8.90 -21.82
C TYR A 26 13.29 -7.96 -23.03
N SER A 27 12.85 -8.52 -24.16
CA SER A 27 12.90 -7.79 -25.41
C SER A 27 11.66 -6.96 -25.72
N ARG A 28 11.06 -6.35 -24.70
CA ARG A 28 9.88 -5.52 -24.88
C ARG A 28 8.72 -6.33 -25.43
N SER A 29 8.98 -7.01 -26.55
CA SER A 29 8.08 -8.01 -27.07
C SER A 29 7.88 -9.05 -25.98
N GLU A 30 8.92 -9.24 -25.18
CA GLU A 30 8.87 -10.16 -24.06
C GLU A 30 8.05 -9.56 -22.89
N ARG A 31 8.44 -8.36 -22.46
CA ARG A 31 7.72 -7.65 -21.40
C ARG A 31 6.26 -7.49 -21.77
N GLN A 32 6.00 -7.02 -22.98
CA GLN A 32 4.64 -6.75 -23.39
C GLN A 32 3.83 -8.03 -23.23
N SER A 33 4.42 -9.15 -23.59
CA SER A 33 3.70 -10.42 -23.53
C SER A 33 3.64 -10.97 -22.09
N PHE A 34 4.46 -10.41 -21.20
CA PHE A 34 4.45 -10.77 -19.79
C PHE A 34 3.36 -10.03 -19.04
N GLN A 35 3.29 -8.72 -19.24
CA GLN A 35 2.21 -7.94 -18.67
C GLN A 35 0.91 -8.61 -19.07
N GLU A 36 0.87 -9.10 -20.31
CA GLU A 36 -0.35 -9.69 -20.80
C GLU A 36 -0.76 -10.82 -19.88
N LEU A 37 0.16 -11.79 -19.72
CA LEU A 37 -0.03 -12.93 -18.83
C LEU A 37 -0.34 -12.49 -17.38
N LEU A 38 0.44 -11.57 -16.84
CA LEU A 38 0.22 -11.07 -15.50
C LEU A 38 -1.23 -10.50 -15.21
N THR A 39 -1.91 -10.05 -16.25
CA THR A 39 -3.29 -9.54 -16.15
C THR A 39 -4.35 -10.56 -15.72
N VAL A 40 -4.17 -11.82 -16.03
CA VAL A 40 -5.16 -12.84 -15.67
C VAL A 40 -4.98 -13.39 -14.26
N LEU A 41 -3.81 -13.11 -13.71
CA LEU A 41 -3.51 -13.44 -12.31
C LEU A 41 -4.44 -12.64 -11.38
N GLU A 42 -4.99 -13.31 -10.39
CA GLU A 42 -6.02 -12.74 -9.52
C GLU A 42 -6.01 -13.19 -8.07
N PRO A 43 -6.09 -12.21 -7.17
CA PRO A 43 -6.16 -12.46 -5.74
C PRO A 43 -7.51 -13.13 -5.42
N VAL A 44 -7.47 -14.13 -4.56
CA VAL A 44 -8.65 -14.88 -4.15
C VAL A 44 -8.59 -15.04 -2.64
N TYR A 45 -9.63 -15.59 -2.05
CA TYR A 45 -9.70 -15.67 -0.60
C TYR A 45 -8.60 -16.57 -0.09
N PRO A 46 -7.81 -16.07 0.87
CA PRO A 46 -6.69 -16.78 1.48
C PRO A 46 -7.11 -17.45 2.79
N LEU A 47 -6.36 -18.48 3.22
CA LEU A 47 -6.64 -19.06 4.53
C LEU A 47 -6.03 -18.15 5.58
N PRO A 48 -6.65 -18.14 6.78
CA PRO A 48 -6.24 -17.43 8.01
C PRO A 48 -4.75 -17.58 8.28
N ASN A 49 -4.16 -18.75 8.01
CA ASN A 49 -2.69 -18.89 8.03
C ASN A 49 -1.90 -18.47 6.77
N GLU A 50 -2.47 -17.62 5.91
CA GLU A 50 -1.78 -17.17 4.71
C GLU A 50 -1.73 -15.64 4.57
N LEU A 51 -0.63 -15.11 4.05
CA LEU A 51 -0.57 -13.72 3.59
C LEU A 51 -1.58 -13.46 2.48
N GLY A 52 -1.67 -14.38 1.52
CA GLY A 52 -2.71 -14.35 0.51
C GLY A 52 -2.59 -15.49 -0.50
N ARG A 53 -3.53 -15.50 -1.43
CA ARG A 53 -3.62 -16.53 -2.43
C ARG A 53 -4.06 -15.96 -3.80
N VAL A 54 -3.40 -16.42 -4.86
CA VAL A 54 -3.72 -15.94 -6.20
C VAL A 54 -4.06 -17.07 -7.17
N SER A 55 -4.82 -16.76 -8.22
CA SER A 55 -5.30 -17.79 -9.11
C SER A 55 -5.43 -17.24 -10.50
N ALA A 56 -5.14 -18.06 -11.51
CA ALA A 56 -5.22 -17.64 -12.92
C ALA A 56 -5.69 -18.74 -13.87
N ARG A 57 -6.52 -18.36 -14.83
CA ARG A 57 -6.95 -19.30 -15.85
C ARG A 57 -6.71 -18.73 -17.23
N PHE A 58 -5.83 -19.38 -17.96
CA PHE A 58 -5.38 -18.89 -19.24
C PHE A 58 -6.18 -19.46 -20.40
N SER A 59 -6.07 -18.81 -21.54
CA SER A 59 -6.82 -19.21 -22.73
C SER A 59 -6.27 -20.48 -23.38
N ASP A 60 -5.21 -21.04 -22.79
CA ASP A 60 -4.70 -22.34 -23.23
C ASP A 60 -5.04 -23.46 -22.24
N GLY A 61 -5.98 -23.19 -21.33
CA GLY A 61 -6.39 -24.21 -20.38
C GLY A 61 -5.40 -24.50 -19.26
N SER A 62 -4.23 -23.87 -19.29
CA SER A 62 -3.38 -23.96 -18.12
C SER A 62 -4.00 -23.08 -17.00
N SER A 63 -3.66 -23.43 -15.76
CA SER A 63 -4.15 -22.72 -14.59
C SER A 63 -3.06 -22.59 -13.54
N LEU A 64 -2.99 -21.43 -12.89
CA LEU A 64 -1.94 -21.17 -11.93
C LEU A 64 -2.51 -20.75 -10.59
N ARG A 65 -2.14 -21.48 -9.54
CA ARG A 65 -2.52 -21.10 -8.18
C ARG A 65 -1.31 -20.93 -7.26
N ILE A 66 -1.23 -19.77 -6.62
CA ILE A 66 -0.16 -19.52 -5.65
C ILE A 66 -0.66 -19.16 -4.23
N SER A 67 -0.14 -19.87 -3.24
CA SER A 67 -0.41 -19.59 -1.84
C SER A 67 0.85 -18.98 -1.24
N VAL A 68 0.66 -18.04 -0.36
CA VAL A 68 1.76 -17.53 0.41
C VAL A 68 1.38 -17.59 1.89
N THR A 69 2.09 -18.42 2.64
CA THR A 69 1.73 -18.66 4.03
C THR A 69 2.25 -17.48 4.82
N ASN A 70 1.67 -17.28 5.99
CA ASN A 70 2.00 -16.17 6.86
C ASN A 70 3.48 -16.01 7.06
N SER A 71 4.23 -17.10 6.87
CA SER A 71 5.69 -17.06 6.97
C SER A 71 6.40 -16.95 5.59
N GLU A 72 5.81 -16.15 4.70
CA GLU A 72 6.35 -15.91 3.36
C GLU A 72 6.95 -17.17 2.74
N LEU A 73 6.14 -18.23 2.74
CA LEU A 73 6.51 -19.48 2.12
C LEU A 73 5.59 -19.70 0.94
N VAL A 74 6.17 -20.07 -0.20
CA VAL A 74 5.41 -20.08 -1.45
C VAL A 74 5.10 -21.44 -1.99
N GLU A 75 3.85 -21.63 -2.37
CA GLU A 75 3.40 -22.91 -2.85
C GLU A 75 2.70 -22.65 -4.17
N ALA A 76 3.13 -23.34 -5.22
CA ALA A 76 2.52 -23.13 -6.53
C ALA A 76 1.93 -24.40 -7.10
N GLU A 77 0.81 -24.27 -7.79
CA GLU A 77 0.25 -25.38 -8.53
C GLU A 77 -0.14 -24.98 -9.93
N ILE A 78 0.33 -25.79 -10.87
CA ILE A 78 0.10 -25.58 -12.28
C ILE A 78 -0.59 -26.78 -12.86
N ARG A 79 -1.63 -26.54 -13.64
CA ARG A 79 -2.25 -27.57 -14.45
C ARG A 79 -2.18 -27.14 -15.93
N THR A 80 -1.70 -28.03 -16.79
CA THR A 80 -1.27 -27.65 -18.13
C THR A 80 -2.32 -27.77 -19.21
N ALA A 81 -1.86 -27.79 -20.45
CA ALA A 81 -2.75 -28.05 -21.58
C ALA A 81 -3.11 -29.55 -21.57
N ASN A 82 -2.15 -30.37 -21.16
CA ASN A 82 -2.29 -31.81 -21.25
C ASN A 82 -2.34 -32.51 -19.89
N ASN A 83 -3.26 -32.07 -19.05
CA ASN A 83 -3.51 -32.66 -17.74
C ASN A 83 -2.26 -33.09 -16.95
N GLU A 84 -1.26 -32.23 -16.90
CA GLU A 84 -0.12 -32.44 -16.01
C GLU A 84 -0.34 -31.63 -14.73
N LYS A 85 -0.03 -32.22 -13.58
CA LYS A 85 -0.14 -31.51 -12.31
C LYS A 85 1.26 -31.21 -11.77
N ILE A 86 1.56 -29.92 -11.59
CA ILE A 86 2.88 -29.51 -11.11
C ILE A 86 2.79 -28.73 -9.83
N THR A 87 3.49 -29.19 -8.80
CA THR A 87 3.47 -28.48 -7.56
C THR A 87 4.86 -27.90 -7.38
N VAL A 88 4.95 -26.65 -6.99
CA VAL A 88 6.26 -26.05 -6.76
C VAL A 88 6.35 -25.50 -5.36
N LEU A 89 7.44 -25.80 -4.69
CA LEU A 89 7.77 -25.20 -3.43
C LEU A 89 9.01 -24.35 -3.59
N LEU A 90 9.08 -23.28 -2.83
CA LEU A 90 10.05 -22.25 -3.12
C LEU A 90 9.86 -21.17 -2.08
N GLU A 91 10.90 -20.37 -1.89
CA GLU A 91 10.78 -19.15 -1.11
C GLU A 91 11.12 -17.99 -2.01
N SER A 92 10.28 -16.96 -1.96
CA SER A 92 10.67 -15.70 -2.54
C SER A 92 11.79 -15.24 -1.63
N ASN A 93 12.84 -14.69 -2.23
CA ASN A 93 13.96 -14.15 -1.46
C ASN A 93 14.17 -12.67 -1.76
N GLU A 94 15.41 -12.29 -2.05
CA GLU A 94 15.73 -10.91 -2.42
C GLU A 94 15.84 -10.73 -3.94
N GLN A 95 16.48 -11.66 -4.62
CA GLN A 95 16.62 -11.60 -6.07
C GLN A 95 15.27 -11.77 -6.76
N ASN A 96 14.62 -12.92 -6.60
CA ASN A 96 13.29 -13.12 -7.20
C ASN A 96 12.31 -12.02 -6.79
N ARG A 97 12.25 -11.79 -5.49
CA ARG A 97 11.06 -11.24 -4.86
C ARG A 97 9.81 -11.57 -5.65
N LEU A 98 9.53 -12.86 -5.68
CA LEU A 98 8.26 -13.40 -6.11
C LEU A 98 7.11 -12.77 -5.29
N LEU A 99 7.40 -12.35 -4.07
CA LEU A 99 6.40 -11.76 -3.17
C LEU A 99 5.97 -10.37 -3.64
N GLN A 100 6.91 -9.62 -4.20
CA GLN A 100 6.60 -8.27 -4.66
C GLN A 100 5.74 -8.35 -5.89
N SER A 101 5.75 -9.51 -6.52
CA SER A 101 5.15 -9.65 -7.85
C SER A 101 3.82 -10.35 -7.84
N LEU A 102 3.22 -10.36 -6.66
CA LEU A 102 1.91 -10.96 -6.43
C LEU A 102 0.97 -9.99 -5.72
N PRO A 103 -0.32 -10.08 -6.01
CA PRO A 103 -1.22 -9.12 -5.37
C PRO A 103 -1.57 -9.56 -3.96
N ILE A 104 -0.61 -9.39 -3.04
CA ILE A 104 -0.78 -9.73 -1.62
C ILE A 104 -0.36 -8.61 -0.65
N ASP A 105 -0.99 -8.57 0.51
CA ASP A 105 -0.61 -7.61 1.55
C ASP A 105 0.49 -8.06 2.49
N ARG A 106 1.45 -7.17 2.70
CA ARG A 106 2.58 -7.46 3.59
C ARG A 106 2.68 -6.51 4.79
N HIS A 107 3.30 -7.00 5.85
CA HIS A 107 3.54 -6.20 7.07
C HIS A 107 4.93 -5.58 7.01
N MSE A 108 4.96 -4.26 6.83
CA MSE A 108 6.19 -3.52 6.64
C MSE A 108 6.10 -2.13 7.29
O MSE A 108 5.03 -1.54 7.38
CB MSE A 108 6.45 -3.35 5.17
CG MSE A 108 6.82 -4.57 4.42
SE MSE A 108 7.05 -4.12 2.52
CE MSE A 108 5.36 -4.81 1.80
N PRO A 109 7.24 -1.59 7.73
CA PRO A 109 7.35 -0.24 8.31
C PRO A 109 7.08 0.91 7.32
N TYR A 110 7.09 0.63 6.03
CA TYR A 110 6.82 1.69 5.08
C TYR A 110 6.08 1.14 3.86
N ILE A 111 5.55 2.04 3.05
CA ILE A 111 4.77 1.67 1.87
C ILE A 111 5.71 1.12 0.82
N GLN A 112 5.43 -0.11 0.42
CA GLN A 112 6.21 -0.81 -0.58
C GLN A 112 6.35 0.04 -1.88
N VAL A 113 7.58 0.14 -2.37
CA VAL A 113 7.87 0.88 -3.60
C VAL A 113 8.15 -0.06 -4.75
N HIS A 114 7.34 0.01 -5.80
CA HIS A 114 7.67 -0.69 -7.02
C HIS A 114 8.34 0.19 -8.11
N ARG A 115 8.75 -0.45 -9.18
CA ARG A 115 9.16 0.24 -10.39
C ARG A 115 8.27 -0.26 -11.52
N ALA A 116 8.10 0.53 -12.57
CA ALA A 116 7.26 0.07 -13.68
C ALA A 116 8.14 -0.67 -14.66
N LEU A 117 7.52 -1.32 -15.64
CA LEU A 117 8.30 -1.93 -16.70
C LEU A 117 8.82 -0.86 -17.68
N SER A 118 9.50 -1.30 -18.73
CA SER A 118 10.27 -0.42 -19.61
C SER A 118 9.58 0.88 -20.07
N GLU A 119 8.57 0.75 -20.91
CA GLU A 119 8.04 1.92 -21.60
C GLU A 119 6.66 2.35 -21.09
N MSE A 120 6.40 2.03 -19.84
CA MSE A 120 5.19 2.45 -19.17
C MSE A 120 5.30 3.92 -18.82
O MSE A 120 6.34 4.37 -18.32
CB MSE A 120 4.96 1.63 -17.91
CG MSE A 120 5.20 0.15 -18.07
SE MSE A 120 4.15 -0.88 -16.77
CE MSE A 120 2.37 -0.43 -17.41
N ASP A 121 4.23 4.65 -19.09
CA ASP A 121 4.15 6.08 -18.77
C ASP A 121 2.90 6.41 -17.95
N LEU A 122 2.84 7.66 -17.52
CA LEU A 122 1.73 8.17 -16.70
C LEU A 122 1.15 9.41 -17.36
N THR A 123 1.33 9.51 -18.66
CA THR A 123 1.14 10.76 -19.36
C THR A 123 -0.32 11.06 -19.74
N ASP A 124 -1.14 10.02 -19.83
CA ASP A 124 -2.55 10.20 -20.17
C ASP A 124 -3.45 9.21 -19.41
N THR A 125 -4.75 9.38 -19.53
CA THR A 125 -5.73 8.52 -18.86
C THR A 125 -5.52 7.03 -19.16
N THR A 126 -5.07 6.74 -20.37
CA THR A 126 -4.97 5.37 -20.83
C THR A 126 -3.67 4.73 -20.37
N SER A 127 -2.62 5.55 -20.23
CA SER A 127 -1.35 5.03 -19.74
C SER A 127 -1.42 4.80 -18.23
N MSE A 128 -2.40 5.46 -17.61
CA MSE A 128 -2.66 5.34 -16.21
C MSE A 128 -3.38 4.04 -15.87
O MSE A 128 -3.00 3.33 -14.93
CB MSE A 128 -3.49 6.49 -15.73
CG MSE A 128 -3.02 7.15 -14.46
SE MSE A 128 -4.04 8.81 -14.13
CE MSE A 128 -4.56 8.38 -12.27
N ARG A 129 -4.45 3.73 -16.60
CA ARG A 129 -5.20 2.52 -16.30
C ARG A 129 -4.26 1.35 -16.50
N ASN A 130 -3.32 1.54 -17.41
CA ASN A 130 -2.35 0.51 -17.68
C ASN A 130 -1.23 0.39 -16.66
N LEU A 131 -0.88 1.49 -15.99
CA LEU A 131 0.00 1.37 -14.85
C LEU A 131 -0.74 0.63 -13.74
N LEU A 132 -1.97 1.04 -13.44
CA LEU A 132 -2.75 0.31 -12.46
C LEU A 132 -2.90 -1.19 -12.84
N GLY A 133 -2.98 -1.46 -14.14
CA GLY A 133 -3.08 -2.80 -14.69
C GLY A 133 -1.92 -3.68 -14.29
N PHE A 134 -0.77 -3.05 -14.06
CA PHE A 134 0.42 -3.74 -13.57
C PHE A 134 0.60 -3.61 -12.05
N THR A 135 0.24 -2.46 -11.47
CA THR A 135 0.38 -2.24 -10.01
C THR A 135 -0.61 -3.10 -9.19
N SER A 136 -1.76 -3.38 -9.79
CA SER A 136 -2.83 -4.09 -9.11
C SER A 136 -2.57 -5.61 -8.97
N LYS A 137 -1.42 -6.04 -9.49
CA LYS A 137 -0.96 -7.43 -9.46
C LYS A 137 0.30 -7.48 -8.65
N LEU A 138 0.61 -6.37 -8.00
CA LEU A 138 1.88 -6.23 -7.32
C LEU A 138 1.63 -6.13 -5.83
N SER A 139 2.68 -6.23 -5.03
CA SER A 139 2.48 -6.26 -3.58
C SER A 139 2.28 -4.90 -2.88
N THR A 140 1.59 -4.92 -1.74
CA THR A 140 1.28 -3.70 -1.00
C THR A 140 1.60 -3.88 0.48
N THR A 141 1.64 -2.78 1.20
CA THR A 141 1.94 -2.77 2.61
C THR A 141 0.72 -2.45 3.42
N LEU A 142 0.46 -3.21 4.47
CA LEU A 142 -0.75 -2.94 5.23
C LEU A 142 -0.68 -1.61 5.98
N ILE A 143 -1.75 -0.86 5.92
CA ILE A 143 -1.90 0.28 6.81
C ILE A 143 -2.80 -0.17 7.94
N PRO A 144 -2.25 -0.20 9.15
CA PRO A 144 -2.97 -0.69 10.33
C PRO A 144 -4.24 0.12 10.62
N HIS A 145 -5.32 -0.58 10.96
CA HIS A 145 -6.60 0.06 11.27
C HIS A 145 -6.50 1.30 12.16
N ASN A 146 -7.31 2.30 11.83
CA ASN A 146 -7.33 3.55 12.56
C ASN A 146 -8.73 4.18 12.56
N ALA A 147 -9.34 4.30 13.74
CA ALA A 147 -10.67 4.88 13.87
C ALA A 147 -10.80 6.22 13.15
N GLN A 148 -9.73 6.99 13.16
CA GLN A 148 -9.76 8.32 12.58
C GLN A 148 -9.82 8.29 11.05
N THR A 149 -9.13 7.31 10.44
CA THR A 149 -9.12 7.22 8.98
C THR A 149 -10.00 6.12 8.42
N ASP A 150 -10.45 5.21 9.27
CA ASP A 150 -11.26 4.10 8.78
C ASP A 150 -12.57 4.70 8.33
N PRO A 151 -12.78 4.70 7.00
CA PRO A 151 -13.93 5.36 6.37
C PRO A 151 -15.20 4.73 6.89
N LEU A 152 -15.10 3.45 7.28
CA LEU A 152 -16.20 2.77 7.95
C LEU A 152 -16.35 3.18 9.41
N SER A 153 -15.34 3.86 9.94
CA SER A 153 -15.40 4.40 11.30
C SER A 153 -16.16 5.73 11.33
N GLY A 154 -16.07 6.49 10.25
CA GLY A 154 -16.67 7.82 10.21
C GLY A 154 -18.19 7.87 10.29
N PRO A 155 -18.76 9.09 10.26
CA PRO A 155 -20.20 9.36 10.35
C PRO A 155 -20.98 9.20 9.03
N THR A 156 -20.31 9.09 7.89
CA THR A 156 -21.05 8.96 6.62
C THR A 156 -20.85 7.67 5.85
N PRO A 157 -20.57 6.56 6.55
CA PRO A 157 -20.05 5.33 5.92
C PRO A 157 -20.80 4.90 4.65
N PHE A 158 -20.09 4.80 3.52
CA PHE A 158 -20.73 4.37 2.26
C PHE A 158 -21.70 5.38 1.62
N SER A 159 -21.75 6.59 2.13
CA SER A 159 -22.73 7.56 1.67
C SER A 159 -22.66 7.76 0.15
N SER A 160 -21.48 7.56 -0.42
CA SER A 160 -21.28 7.84 -1.85
C SER A 160 -21.28 6.55 -2.68
N ILE A 161 -21.66 5.45 -2.04
CA ILE A 161 -21.46 4.13 -2.62
C ILE A 161 -22.06 4.01 -4.01
N PHE A 162 -23.34 4.35 -4.12
CA PHE A 162 -24.06 4.20 -5.37
C PHE A 162 -23.75 5.27 -6.41
N MSE A 163 -23.15 6.38 -5.99
CA MSE A 163 -22.69 7.40 -6.93
C MSE A 163 -21.33 6.99 -7.52
O MSE A 163 -21.11 7.10 -8.73
CB MSE A 163 -22.60 8.80 -6.28
CG MSE A 163 -21.55 9.71 -6.94
SE MSE A 163 -21.03 11.34 -5.92
CE MSE A 163 -22.52 12.41 -6.50
N ASP A 164 -20.45 6.52 -6.65
CA ASP A 164 -19.17 6.00 -7.13
C ASP A 164 -19.42 4.80 -8.00
N THR A 165 -20.45 4.01 -7.68
CA THR A 165 -20.68 2.80 -8.43
C THR A 165 -21.10 3.17 -9.82
N CYS A 166 -22.21 3.91 -9.85
CA CYS A 166 -22.80 4.40 -11.08
C CYS A 166 -21.76 5.17 -11.89
N ARG A 167 -20.86 5.84 -11.18
CA ARG A 167 -19.83 6.61 -11.85
C ARG A 167 -18.65 5.79 -12.34
N GLY A 168 -18.20 4.85 -11.51
CA GLY A 168 -17.04 4.03 -11.82
C GLY A 168 -17.37 2.96 -12.83
N LEU A 169 -18.63 2.50 -12.81
CA LEU A 169 -19.09 1.57 -13.82
C LEU A 169 -19.09 2.22 -15.21
N GLY A 170 -18.47 1.52 -16.16
CA GLY A 170 -18.23 2.00 -17.50
C GLY A 170 -16.79 2.39 -17.70
N ASN A 171 -16.09 2.57 -16.59
CA ASN A 171 -14.83 3.27 -16.60
C ASN A 171 -13.96 2.66 -15.51
N ALA A 172 -13.93 1.33 -15.48
CA ALA A 172 -13.09 0.56 -14.57
C ALA A 172 -12.54 -0.67 -15.28
N LYS A 173 -11.45 -1.20 -14.76
CA LYS A 173 -11.11 -2.56 -15.06
C LYS A 173 -11.89 -3.40 -14.04
N LEU A 174 -12.66 -4.37 -14.53
CA LEU A 174 -13.52 -5.18 -13.69
C LEU A 174 -13.54 -6.70 -14.03
N SER A 175 -13.27 -7.50 -13.00
CA SER A 175 -13.12 -8.94 -13.17
C SER A 175 -14.01 -9.69 -12.22
N LEU A 176 -14.84 -10.55 -12.80
CA LEU A 176 -15.72 -11.39 -12.00
C LEU A 176 -15.23 -12.82 -12.20
N ASN A 177 -14.72 -13.40 -11.12
CA ASN A 177 -14.19 -14.75 -11.16
C ASN A 177 -13.18 -14.97 -12.30
N GLY A 178 -12.40 -13.93 -12.60
CA GLY A 178 -11.39 -14.00 -13.64
C GLY A 178 -11.87 -13.49 -15.00
N VAL A 179 -13.16 -13.44 -15.20
CA VAL A 179 -13.72 -12.92 -16.46
C VAL A 179 -13.73 -11.40 -16.49
N ASP A 180 -13.18 -10.87 -17.58
CA ASP A 180 -13.15 -9.45 -17.80
C ASP A 180 -14.52 -8.92 -18.16
N ILE A 181 -15.06 -8.03 -17.33
CA ILE A 181 -16.27 -7.26 -17.68
C ILE A 181 -15.88 -5.94 -18.32
N PRO A 182 -16.22 -5.78 -19.60
CA PRO A 182 -15.82 -4.62 -20.38
C PRO A 182 -16.78 -3.44 -20.16
N ALA A 183 -16.48 -2.31 -20.78
CA ALA A 183 -17.27 -1.07 -20.59
C ALA A 183 -18.78 -1.19 -20.83
N ASN A 184 -19.20 -1.79 -21.95
CA ASN A 184 -20.63 -1.93 -22.22
C ASN A 184 -21.33 -2.87 -21.26
N ALA A 185 -20.74 -4.04 -21.06
CA ALA A 185 -21.21 -4.97 -20.04
C ALA A 185 -21.28 -4.27 -18.67
N GLN A 186 -20.28 -3.43 -18.40
CA GLN A 186 -20.27 -2.63 -17.19
C GLN A 186 -21.46 -1.64 -17.11
N LYS A 187 -21.78 -0.98 -18.22
CA LYS A 187 -22.88 -0.02 -18.20
C LYS A 187 -24.15 -0.83 -18.11
N LEU A 188 -24.07 -2.03 -18.65
CA LEU A 188 -25.22 -2.93 -18.67
C LEU A 188 -25.50 -3.42 -17.27
N LEU A 189 -24.43 -3.52 -16.48
CA LEU A 189 -24.51 -3.98 -15.11
C LEU A 189 -24.96 -2.82 -14.19
N ARG A 190 -24.57 -1.61 -14.58
CA ARG A 190 -25.06 -0.41 -13.95
C ARG A 190 -26.56 -0.30 -14.13
N ASP A 191 -27.05 -0.53 -15.36
CA ASP A 191 -28.49 -0.46 -15.59
C ASP A 191 -29.15 -1.61 -14.82
N ALA A 192 -28.48 -2.75 -14.82
CA ALA A 192 -29.00 -3.97 -14.22
C ALA A 192 -29.24 -3.78 -12.73
N LEU A 193 -28.47 -2.89 -12.14
CA LEU A 193 -28.59 -2.58 -10.71
C LEU A 193 -29.63 -1.48 -10.49
N GLY A 194 -29.95 -0.72 -11.53
CA GLY A 194 -30.85 0.41 -11.41
C GLY A 194 -30.16 1.69 -10.95
N LEU A 195 -29.14 2.10 -11.71
CA LEU A 195 -28.13 3.01 -11.20
C LEU A 195 -27.61 4.02 -12.23
N LYS A 196 -28.10 3.93 -13.48
CA LYS A 196 -27.86 5.01 -14.43
C LYS A 196 -28.66 6.18 -13.90
N ASP A 197 -29.67 5.84 -13.11
CA ASP A 197 -30.50 6.81 -12.41
C ASP A 197 -29.68 7.94 -11.78
N THR A 198 -30.31 9.10 -11.62
CA THR A 198 -29.67 10.25 -11.01
C THR A 198 -28.86 9.81 -9.80
N HIS A 199 -29.53 9.67 -8.67
CA HIS A 199 -28.89 9.16 -7.46
C HIS A 199 -29.88 8.40 -6.59
N SER A 200 -30.52 7.41 -7.23
CA SER A 200 -31.33 6.45 -6.51
C SER A 200 -30.45 5.28 -6.07
N SER A 201 -31.06 4.38 -5.31
CA SER A 201 -30.45 3.17 -4.89
C SER A 201 -30.96 2.10 -5.85
N PRO A 202 -30.38 0.89 -5.79
CA PRO A 202 -30.86 -0.20 -6.63
C PRO A 202 -32.31 -0.57 -6.31
N THR A 203 -32.91 -1.41 -7.16
CA THR A 203 -34.25 -1.93 -6.94
C THR A 203 -34.23 -2.79 -5.70
N ARG A 204 -35.36 -2.81 -4.99
CA ARG A 204 -35.55 -3.75 -3.90
C ARG A 204 -35.46 -5.15 -4.47
N ASN A 205 -35.52 -5.25 -5.80
CA ASN A 205 -35.32 -6.52 -6.48
C ASN A 205 -33.84 -6.91 -6.57
N VAL A 206 -33.03 -6.05 -7.16
CA VAL A 206 -31.60 -6.28 -7.19
C VAL A 206 -31.15 -6.70 -5.78
N ILE A 207 -31.50 -5.88 -4.78
CA ILE A 207 -31.33 -6.30 -3.40
C ILE A 207 -32.21 -7.53 -3.20
N ASP A 208 -31.77 -8.45 -2.36
CA ASP A 208 -32.59 -9.63 -2.05
C ASP A 208 -32.56 -10.72 -3.13
N HIS A 209 -32.57 -10.33 -4.41
CA HIS A 209 -32.58 -11.32 -5.49
C HIS A 209 -31.31 -11.30 -6.36
N GLY A 210 -30.42 -10.37 -6.07
CA GLY A 210 -29.35 -10.09 -7.00
C GLY A 210 -29.96 -9.58 -8.30
N ILE A 211 -29.24 -9.76 -9.40
CA ILE A 211 -29.77 -9.44 -10.71
C ILE A 211 -30.69 -10.56 -11.21
N SER A 212 -31.40 -10.28 -12.29
CA SER A 212 -32.22 -11.28 -12.95
C SER A 212 -31.31 -12.18 -13.75
N ARG A 213 -31.78 -13.39 -14.00
CA ARG A 213 -31.12 -14.32 -14.89
C ARG A 213 -30.83 -13.59 -16.19
N HIS A 214 -31.87 -12.92 -16.68
CA HIS A 214 -31.84 -12.24 -17.96
C HIS A 214 -30.68 -11.26 -18.02
N ASP A 215 -30.78 -10.13 -17.33
CA ASP A 215 -29.67 -9.17 -17.30
C ASP A 215 -28.34 -9.90 -17.11
N ALA A 216 -28.31 -10.86 -16.20
CA ALA A 216 -27.08 -11.62 -15.95
C ALA A 216 -26.48 -12.24 -17.22
N GLU A 217 -27.33 -12.91 -18.00
CA GLU A 217 -26.89 -13.60 -19.21
C GLU A 217 -26.33 -12.62 -20.22
N GLN A 218 -27.07 -11.54 -20.43
CA GLN A 218 -26.62 -10.50 -21.35
C GLN A 218 -25.24 -10.05 -20.91
N ILE A 219 -25.15 -9.65 -19.65
CA ILE A 219 -23.90 -9.15 -19.11
C ILE A 219 -22.78 -10.12 -19.43
N ALA A 220 -22.87 -11.36 -18.94
CA ALA A 220 -21.81 -12.33 -19.19
C ALA A 220 -21.62 -12.59 -20.68
N ARG A 221 -22.71 -12.49 -21.44
CA ARG A 221 -22.67 -12.77 -22.87
C ARG A 221 -21.73 -11.78 -23.53
N GLU A 222 -21.88 -10.53 -23.15
CA GLU A 222 -21.15 -9.44 -23.76
C GLU A 222 -19.75 -9.28 -23.17
N SER A 223 -19.40 -10.17 -22.25
CA SER A 223 -18.12 -10.09 -21.52
C SER A 223 -17.08 -11.08 -22.04
N SER A 224 -15.81 -10.80 -21.74
CA SER A 224 -14.69 -11.52 -22.29
C SER A 224 -14.24 -12.71 -21.47
N GLY A 225 -14.20 -13.89 -22.09
CA GLY A 225 -13.67 -15.06 -21.43
C GLY A 225 -14.25 -16.38 -21.93
N SER A 226 -14.12 -17.43 -21.11
CA SER A 226 -14.59 -18.75 -21.50
C SER A 226 -16.04 -19.05 -21.07
N ASP A 227 -16.67 -19.97 -21.79
CA ASP A 227 -18.08 -20.29 -21.54
C ASP A 227 -18.31 -20.79 -20.12
N LYS A 228 -17.49 -21.73 -19.68
CA LYS A 228 -17.60 -22.24 -18.32
C LYS A 228 -17.47 -21.09 -17.33
N GLN A 229 -16.63 -20.13 -17.68
CA GLN A 229 -16.39 -18.99 -16.80
C GLN A 229 -17.56 -18.00 -16.87
N LYS A 230 -18.09 -17.78 -18.06
CA LYS A 230 -19.31 -17.00 -18.21
C LYS A 230 -20.47 -17.57 -17.38
N ALA A 231 -20.45 -18.88 -17.13
CA ALA A 231 -21.52 -19.51 -16.33
C ALA A 231 -21.40 -19.21 -14.85
N GLU A 232 -20.17 -19.12 -14.36
CA GLU A 232 -19.91 -18.67 -13.00
C GLU A 232 -20.35 -17.22 -12.81
N VAL A 233 -20.04 -16.40 -13.80
CA VAL A 233 -20.44 -15.00 -13.77
C VAL A 233 -21.96 -14.91 -13.57
N VAL A 234 -22.71 -15.44 -14.52
CA VAL A 234 -24.15 -15.55 -14.39
C VAL A 234 -24.62 -15.97 -12.99
N GLU A 235 -24.08 -17.07 -12.47
CA GLU A 235 -24.56 -17.57 -11.19
C GLU A 235 -24.14 -16.66 -10.04
N PHE A 236 -22.96 -16.07 -10.13
CA PHE A 236 -22.55 -15.10 -9.13
C PHE A 236 -23.48 -13.88 -9.16
N LEU A 237 -23.74 -13.33 -10.34
CA LEU A 237 -24.61 -12.16 -10.42
C LEU A 237 -25.96 -12.36 -9.72
N CYS A 238 -26.46 -13.58 -9.74
CA CYS A 238 -27.82 -13.88 -9.28
C CYS A 238 -27.98 -14.11 -7.78
N HIS A 239 -27.11 -13.48 -6.99
CA HIS A 239 -27.24 -13.43 -5.54
C HIS A 239 -27.19 -11.95 -5.18
N PRO A 240 -27.69 -11.58 -4.00
CA PRO A 240 -27.65 -10.16 -3.60
C PRO A 240 -26.24 -9.76 -3.14
N GLU A 241 -25.52 -10.70 -2.56
CA GLU A 241 -24.14 -10.46 -2.15
C GLU A 241 -23.32 -9.96 -3.35
N ALA A 242 -23.69 -10.37 -4.55
CA ALA A 242 -23.06 -9.81 -5.74
C ALA A 242 -23.11 -8.27 -5.75
N ALA A 243 -24.30 -7.73 -5.49
CA ALA A 243 -24.52 -6.26 -5.52
C ALA A 243 -23.72 -5.59 -4.44
N THR A 244 -23.89 -6.11 -3.24
CA THR A 244 -23.05 -5.69 -2.13
C THR A 244 -21.58 -5.60 -2.52
N ALA A 245 -21.06 -6.69 -3.07
CA ALA A 245 -19.65 -6.74 -3.42
C ALA A 245 -19.32 -5.76 -4.56
N ILE A 246 -20.11 -5.75 -5.62
CA ILE A 246 -19.84 -4.79 -6.68
C ILE A 246 -19.91 -3.33 -6.20
N CYS A 247 -20.98 -2.99 -5.48
CA CYS A 247 -21.19 -1.60 -5.06
C CYS A 247 -20.12 -1.11 -4.09
N SER A 248 -19.87 -1.89 -3.03
CA SER A 248 -18.84 -1.53 -2.06
C SER A 248 -17.48 -1.43 -2.71
N ALA A 249 -17.27 -2.14 -3.80
CA ALA A 249 -15.93 -2.16 -4.41
C ALA A 249 -15.59 -0.78 -4.98
N PHE A 250 -16.61 -0.06 -5.46
CA PHE A 250 -16.44 1.28 -6.00
C PHE A 250 -16.39 2.40 -4.95
N TYR A 251 -16.65 2.06 -3.69
CA TYR A 251 -16.58 3.03 -2.59
C TYR A 251 -15.29 3.89 -2.59
N GLN A 252 -15.44 5.20 -2.73
CA GLN A 252 -14.29 6.09 -2.92
C GLN A 252 -13.45 6.36 -1.68
N SER A 253 -14.01 6.19 -0.50
CA SER A 253 -13.26 6.58 0.70
C SER A 253 -12.37 5.50 1.27
N PHE A 254 -12.45 4.30 0.71
CA PHE A 254 -11.48 3.23 1.00
C PHE A 254 -10.04 3.74 0.91
N ASN A 255 -9.85 4.82 0.16
CA ASN A 255 -8.52 5.38 -0.10
C ASN A 255 -8.05 6.36 1.02
N VAL A 256 -8.90 6.59 2.00
CA VAL A 256 -8.62 7.63 2.97
C VAL A 256 -7.37 7.36 3.77
N PRO A 257 -7.24 6.14 4.31
CA PRO A 257 -6.02 5.87 5.08
C PRO A 257 -4.76 6.14 4.26
N ALA A 258 -4.73 5.69 3.02
CA ALA A 258 -3.53 5.84 2.21
C ALA A 258 -3.30 7.31 1.85
N LEU A 259 -4.37 8.01 1.51
CA LEU A 259 -4.32 9.46 1.24
C LEU A 259 -3.95 10.24 2.49
N THR A 260 -4.41 9.78 3.65
CA THR A 260 -3.95 10.31 4.92
C THR A 260 -2.41 10.33 5.04
N LEU A 261 -1.72 9.45 4.33
CA LEU A 261 -0.29 9.30 4.56
C LEU A 261 0.52 10.09 3.57
N THR A 262 -0.18 10.59 2.55
CA THR A 262 0.47 10.91 1.30
C THR A 262 -0.08 12.19 0.65
N HIS A 263 -1.08 12.79 1.28
CA HIS A 263 -1.92 13.82 0.66
C HIS A 263 -1.21 15.02 0.03
N GLU A 264 -0.03 15.35 0.56
CA GLU A 264 0.72 16.53 0.10
C GLU A 264 1.50 16.23 -1.17
N ARG A 265 2.08 15.04 -1.22
CA ARG A 265 2.70 14.58 -2.45
C ARG A 265 1.64 14.15 -3.47
N ILE A 266 0.41 13.96 -3.01
CA ILE A 266 -0.72 13.79 -3.89
C ILE A 266 -1.15 15.15 -4.47
N SER A 267 -1.38 16.11 -3.59
CA SER A 267 -1.61 17.50 -4.00
C SER A 267 -0.54 18.00 -4.96
N LYS A 268 0.73 17.76 -4.63
CA LYS A 268 1.83 18.14 -5.51
C LYS A 268 1.64 17.49 -6.88
N ALA A 269 1.48 16.18 -6.91
CA ALA A 269 1.20 15.51 -8.19
C ALA A 269 0.02 16.15 -8.95
N SER A 270 -1.01 16.55 -8.21
CA SER A 270 -2.21 17.11 -8.84
C SER A 270 -1.91 18.51 -9.37
N GLU A 271 -1.32 19.34 -8.52
CA GLU A 271 -0.84 20.65 -8.94
C GLU A 271 0.15 20.49 -10.09
N TYR A 272 1.12 19.62 -9.88
CA TYR A 272 2.22 19.43 -10.82
C TYR A 272 1.74 19.18 -12.26
N ASN A 273 0.55 18.63 -12.42
CA ASN A 273 -0.03 18.40 -13.75
C ASN A 273 -0.77 19.59 -14.36
N ALA A 274 -1.37 20.40 -13.49
CA ALA A 274 -2.18 21.54 -13.93
C ALA A 274 -1.26 22.65 -14.46
N GLU A 275 -0.03 22.71 -13.94
CA GLU A 275 0.96 23.65 -14.47
C GLU A 275 1.27 23.30 -15.92
N ARG A 276 1.30 21.99 -16.24
CA ARG A 276 1.57 21.51 -17.59
C ARG A 276 0.40 21.65 -18.58
N SER A 277 -0.82 21.65 -18.06
CA SER A 277 -2.01 21.69 -18.92
C SER A 277 -2.42 20.29 -19.43
N LEU A 278 -1.78 19.25 -18.90
CA LEU A 278 -2.18 17.88 -19.21
C LEU A 278 -3.49 17.59 -18.51
N ASP A 279 -4.36 16.82 -19.17
CA ASP A 279 -5.62 16.43 -18.52
C ASP A 279 -5.82 14.93 -18.38
N THR A 280 -5.13 14.35 -17.38
CA THR A 280 -5.37 12.99 -16.94
C THR A 280 -6.28 13.07 -15.70
N PRO A 281 -7.05 12.01 -15.44
CA PRO A 281 -8.10 12.10 -14.41
C PRO A 281 -7.57 12.01 -12.99
N ASN A 282 -8.47 12.00 -12.01
CA ASN A 282 -8.06 11.74 -10.65
C ASN A 282 -7.69 10.27 -10.46
N ALA A 283 -8.67 9.44 -10.12
CA ALA A 283 -8.40 8.05 -9.81
C ALA A 283 -8.64 7.12 -11.01
N CYS A 284 -7.94 6.00 -10.97
CA CYS A 284 -8.10 4.91 -11.90
C CYS A 284 -8.53 3.73 -11.04
N ILE A 285 -9.63 3.09 -11.42
CA ILE A 285 -10.24 2.03 -10.65
C ILE A 285 -10.11 0.62 -11.30
N ASN A 286 -9.76 -0.38 -10.47
CA ASN A 286 -9.50 -1.76 -10.90
C ASN A 286 -9.92 -2.81 -9.86
N ILE A 287 -10.89 -3.63 -10.25
CA ILE A 287 -11.56 -4.45 -9.28
C ILE A 287 -11.60 -5.93 -9.68
N SER A 288 -11.28 -6.78 -8.70
CA SER A 288 -11.31 -8.25 -8.85
C SER A 288 -12.26 -8.91 -7.84
N ILE A 289 -13.33 -9.52 -8.30
CA ILE A 289 -14.19 -10.23 -7.38
C ILE A 289 -14.19 -11.73 -7.67
N SER A 290 -14.15 -12.51 -6.59
CA SER A 290 -14.12 -13.97 -6.70
C SER A 290 -15.10 -14.64 -5.77
N GLN A 291 -15.91 -15.52 -6.33
CA GLN A 291 -16.65 -16.46 -5.52
C GLN A 291 -16.07 -17.84 -5.75
N SER A 292 -15.47 -18.40 -4.69
CA SER A 292 -14.96 -19.75 -4.68
C SER A 292 -16.13 -20.72 -4.51
N SER A 293 -15.88 -22.00 -4.80
CA SER A 293 -16.95 -23.01 -4.86
C SER A 293 -17.81 -23.17 -3.63
N ASP A 294 -17.23 -22.94 -2.45
CA ASP A 294 -17.99 -22.92 -1.22
C ASP A 294 -18.98 -21.74 -1.22
N GLY A 295 -18.84 -20.87 -2.22
CA GLY A 295 -19.73 -19.74 -2.41
C GLY A 295 -19.25 -18.51 -1.66
N ASN A 296 -18.02 -18.60 -1.14
CA ASN A 296 -17.40 -17.46 -0.50
C ASN A 296 -17.12 -16.37 -1.51
N ILE A 297 -17.38 -15.12 -1.12
CA ILE A 297 -17.11 -14.00 -1.99
C ILE A 297 -16.01 -13.10 -1.44
N TYR A 298 -15.05 -12.82 -2.31
CA TYR A 298 -13.89 -12.06 -1.90
C TYR A 298 -13.65 -10.91 -2.90
N VAL A 299 -13.37 -9.73 -2.35
CA VAL A 299 -13.20 -8.53 -3.14
C VAL A 299 -11.80 -7.96 -2.99
N THR A 300 -11.16 -7.67 -4.11
CA THR A 300 -9.98 -6.85 -4.03
C THR A 300 -10.22 -5.65 -4.97
N SER A 301 -10.24 -4.44 -4.39
CA SER A 301 -10.55 -3.21 -5.12
C SER A 301 -9.33 -2.32 -5.06
N HIS A 302 -8.90 -1.84 -6.21
CA HIS A 302 -7.76 -0.96 -6.31
C HIS A 302 -8.16 0.37 -6.88
N THR A 303 -7.61 1.42 -6.27
CA THR A 303 -7.69 2.74 -6.81
C THR A 303 -6.27 3.20 -6.94
N GLY A 304 -5.93 3.59 -8.16
CA GLY A 304 -4.66 4.24 -8.44
C GLY A 304 -4.80 5.74 -8.53
N VAL A 305 -3.90 6.45 -7.87
CA VAL A 305 -3.85 7.91 -7.91
C VAL A 305 -2.41 8.37 -8.07
N LEU A 306 -2.24 9.44 -8.83
CA LEU A 306 -0.94 10.03 -9.12
C LEU A 306 -0.34 10.61 -7.86
N ILE A 307 0.98 10.60 -7.78
CA ILE A 307 1.65 11.06 -6.56
C ILE A 307 3.12 11.39 -6.82
N MSE A 308 3.60 12.47 -6.21
CA MSE A 308 5.00 12.85 -6.35
C MSE A 308 5.92 11.98 -5.50
O MSE A 308 5.59 11.61 -4.38
CB MSE A 308 5.23 14.33 -6.00
CG MSE A 308 4.55 15.30 -6.94
SE MSE A 308 5.29 15.37 -8.74
CE MSE A 308 7.20 15.51 -8.39
N ALA A 309 7.08 11.67 -6.04
CA ALA A 309 8.18 11.12 -5.28
C ALA A 309 8.62 12.01 -4.09
N PRO A 310 9.23 11.39 -3.06
CA PRO A 310 9.71 12.17 -1.92
C PRO A 310 10.67 13.27 -2.37
N GLU A 311 10.85 14.31 -1.56
CA GLU A 311 11.63 15.47 -1.99
C GLU A 311 13.04 15.13 -2.50
N ASP A 312 13.63 14.08 -1.97
CA ASP A 312 14.92 13.61 -2.47
C ASP A 312 14.87 13.13 -3.94
N ARG A 313 13.68 13.05 -4.53
CA ARG A 313 13.56 12.72 -5.96
C ARG A 313 12.65 13.72 -6.72
N PRO A 314 13.10 14.97 -6.82
CA PRO A 314 12.32 16.07 -7.42
C PRO A 314 11.76 15.76 -8.81
N ASN A 315 10.51 16.15 -9.02
CA ASN A 315 9.94 16.19 -10.37
C ASN A 315 9.69 14.78 -10.89
N GLU A 316 9.72 13.82 -9.98
CA GLU A 316 9.40 12.44 -10.33
C GLU A 316 8.01 12.05 -9.84
N MSE A 317 7.20 11.57 -10.77
CA MSE A 317 5.84 11.24 -10.46
C MSE A 317 5.66 9.75 -10.60
O MSE A 317 6.36 9.10 -11.39
CB MSE A 317 4.89 12.00 -11.37
CG MSE A 317 3.56 12.32 -10.74
SE MSE A 317 2.40 13.13 -12.09
CE MSE A 317 0.82 13.43 -11.01
N GLY A 318 4.73 9.22 -9.84
CA GLY A 318 4.44 7.81 -9.88
C GLY A 318 3.01 7.55 -9.49
N MSE A 319 2.71 6.32 -9.13
CA MSE A 319 1.37 5.99 -8.75
C MSE A 319 1.29 5.38 -7.35
O MSE A 319 2.18 4.64 -6.88
CB MSE A 319 0.75 5.12 -9.81
CG MSE A 319 -0.74 4.96 -9.73
SE MSE A 319 -1.27 3.45 -10.90
CE MSE A 319 -3.10 4.03 -11.24
N LEU A 320 0.22 5.71 -6.67
CA LEU A 320 -0.06 5.24 -5.37
C LEU A 320 -1.20 4.32 -5.58
N THR A 321 -0.98 3.06 -5.23
CA THR A 321 -1.97 2.04 -5.49
C THR A 321 -2.58 1.57 -4.19
N ASN A 322 -3.84 1.91 -3.99
CA ASN A 322 -4.53 1.54 -2.79
C ASN A 322 -5.34 0.25 -2.95
N ARG A 323 -4.99 -0.77 -2.17
CA ARG A 323 -5.73 -2.01 -2.21
C ARG A 323 -6.64 -2.12 -0.99
N THR A 324 -7.87 -2.53 -1.22
CA THR A 324 -8.80 -2.77 -0.15
C THR A 324 -9.42 -4.15 -0.31
N SER A 325 -9.33 -4.97 0.72
CA SER A 325 -9.69 -6.38 0.54
C SER A 325 -10.55 -6.82 1.68
N TYR A 326 -11.47 -7.73 1.40
CA TYR A 326 -12.46 -8.13 2.39
C TYR A 326 -13.33 -9.23 1.79
N GLU A 327 -13.91 -10.06 2.64
CA GLU A 327 -14.91 -10.99 2.17
C GLU A 327 -16.28 -10.34 2.37
N VAL A 328 -17.19 -10.67 1.46
CA VAL A 328 -18.59 -10.34 1.61
C VAL A 328 -19.23 -11.61 2.09
N PRO A 329 -19.36 -11.75 3.42
CA PRO A 329 -19.97 -12.94 4.03
C PRO A 329 -21.31 -13.23 3.36
N GLN A 330 -21.64 -14.50 3.20
CA GLN A 330 -22.89 -14.89 2.58
C GLN A 330 -24.10 -14.61 3.48
N GLY A 331 -24.76 -13.47 3.26
CA GLY A 331 -25.93 -13.07 4.01
C GLY A 331 -26.10 -11.55 4.07
N VAL A 332 -25.25 -10.86 3.32
CA VAL A 332 -25.14 -9.41 3.45
C VAL A 332 -25.61 -8.73 2.16
N LYS A 333 -26.78 -8.08 2.25
CA LYS A 333 -27.41 -7.43 1.10
C LYS A 333 -26.95 -5.99 1.01
N CYS A 334 -27.13 -5.41 -0.17
CA CYS A 334 -26.52 -4.12 -0.47
C CYS A 334 -27.07 -2.87 0.29
N ILE A 335 -27.47 -3.01 1.56
CA ILE A 335 -27.84 -1.83 2.37
C ILE A 335 -26.74 -1.36 3.36
N ILE A 336 -26.58 -0.03 3.45
CA ILE A 336 -25.62 0.61 4.36
C ILE A 336 -25.37 -0.09 5.70
N ASP A 337 -26.36 -0.03 6.61
CA ASP A 337 -26.17 -0.52 7.98
C ASP A 337 -25.63 -1.95 8.02
N GLU A 338 -25.95 -2.72 6.99
CA GLU A 338 -25.57 -4.11 6.96
C GLU A 338 -24.11 -4.24 6.51
N MSE A 339 -23.75 -3.55 5.43
CA MSE A 339 -22.36 -3.50 5.00
C MSE A 339 -21.41 -2.82 5.99
O MSE A 339 -20.22 -3.15 6.05
CB MSE A 339 -22.25 -2.82 3.65
CG MSE A 339 -23.12 -3.46 2.59
SE MSE A 339 -22.80 -2.51 0.91
CE MSE A 339 -23.23 -0.71 1.51
N VAL A 340 -21.93 -1.85 6.74
CA VAL A 340 -21.16 -1.16 7.77
C VAL A 340 -20.79 -2.15 8.89
N SER A 341 -21.68 -3.10 9.14
CA SER A 341 -21.46 -4.04 10.23
C SER A 341 -20.81 -5.33 9.77
N ALA A 342 -21.00 -5.71 8.51
CA ALA A 342 -20.47 -6.99 8.02
C ALA A 342 -19.03 -6.88 7.50
N LEU A 343 -18.82 -5.93 6.60
CA LEU A 343 -17.56 -5.80 5.88
C LEU A 343 -16.42 -5.33 6.78
N GLN A 344 -15.29 -6.03 6.66
CA GLN A 344 -14.09 -5.66 7.42
C GLN A 344 -12.91 -5.45 6.49
N PRO A 345 -12.95 -4.33 5.76
CA PRO A 345 -11.96 -3.87 4.79
C PRO A 345 -10.54 -3.92 5.36
N ARG A 346 -9.62 -4.51 4.61
CA ARG A 346 -8.20 -4.38 4.93
C ARG A 346 -7.62 -3.36 3.95
N TYR A 347 -6.75 -2.50 4.45
CA TYR A 347 -6.24 -1.40 3.66
C TYR A 347 -4.76 -1.54 3.53
N ALA A 348 -4.25 -1.31 2.32
CA ALA A 348 -2.84 -1.50 2.03
C ALA A 348 -2.53 -0.68 0.82
N ALA A 349 -1.28 -0.25 0.66
CA ALA A 349 -0.96 0.68 -0.41
C ALA A 349 0.36 0.37 -1.04
N SER A 350 0.49 0.81 -2.28
CA SER A 350 1.74 0.66 -3.01
C SER A 350 2.08 2.01 -3.63
N GLU A 351 3.36 2.29 -3.82
CA GLU A 351 3.80 3.38 -4.66
C GLU A 351 4.60 2.85 -5.84
N THR A 352 4.17 3.17 -7.05
CA THR A 352 4.97 2.75 -8.21
C THR A 352 5.48 3.92 -9.09
N TYR A 353 6.77 3.85 -9.43
CA TYR A 353 7.45 4.88 -10.22
C TYR A 353 8.04 4.34 -11.54
N LEU A 354 8.63 5.22 -12.35
CA LEU A 354 9.12 4.82 -13.66
C LEU A 354 10.64 4.66 -13.72
N MSE B 1 29.22 0.01 17.11
CA MSE B 1 28.51 1.11 17.73
C MSE B 1 26.99 0.97 17.61
O MSE B 1 26.39 1.29 16.57
CB MSE B 1 28.97 2.47 17.18
CG MSE B 1 28.05 3.63 17.55
SE MSE B 1 28.79 5.44 17.47
CE MSE B 1 29.59 5.40 15.69
N ARG B 2 26.37 0.48 18.68
CA ARG B 2 24.91 0.35 18.75
C ARG B 2 24.25 1.68 19.03
N ILE B 3 23.37 2.11 18.14
CA ILE B 3 22.67 3.39 18.32
C ILE B 3 21.18 3.18 18.63
N LEU B 4 20.62 4.10 19.41
CA LEU B 4 19.20 4.09 19.72
C LEU B 4 18.58 5.45 19.42
N MSE B 5 17.74 5.48 18.38
CA MSE B 5 17.02 6.70 18.02
C MSE B 5 15.73 6.79 18.80
O MSE B 5 14.89 5.90 18.74
CB MSE B 5 16.73 6.69 16.53
CG MSE B 5 16.08 7.95 16.03
SE MSE B 5 16.60 8.34 14.19
CE MSE B 5 16.02 6.67 13.36
N LEU B 6 15.58 7.87 19.56
CA LEU B 6 14.35 8.10 20.33
C LEU B 6 13.74 9.44 19.97
N GLY B 7 12.44 9.56 20.16
CA GLY B 7 11.75 10.80 19.85
C GLY B 7 10.25 10.58 19.98
N LEU B 8 9.48 11.65 19.91
CA LEU B 8 8.04 11.50 19.89
C LEU B 8 7.64 10.90 18.54
N ASP B 9 6.46 10.28 18.49
CA ASP B 9 5.91 9.77 17.25
C ASP B 9 5.78 10.92 16.25
N ALA B 10 5.71 10.57 14.97
CA ALA B 10 5.55 11.58 13.93
C ALA B 10 6.70 12.61 13.88
N ALA B 11 7.84 12.30 14.50
CA ALA B 11 9.02 13.16 14.43
C ALA B 11 9.85 12.87 13.16
N GLY B 12 9.82 11.63 12.71
CA GLY B 12 10.49 11.27 11.47
C GLY B 12 11.61 10.28 11.70
N LYS B 13 11.59 9.64 12.86
CA LYS B 13 12.65 8.72 13.23
C LYS B 13 12.72 7.59 12.22
N THR B 14 11.62 6.87 12.06
CA THR B 14 11.53 5.77 11.09
C THR B 14 11.97 6.21 9.71
N THR B 15 11.55 7.41 9.31
CA THR B 15 11.91 7.96 8.01
C THR B 15 13.41 8.12 7.89
N ILE B 16 14.04 8.61 8.96
CA ILE B 16 15.49 8.77 9.01
C ILE B 16 16.11 7.39 9.00
N LEU B 17 15.45 6.45 9.67
CA LEU B 17 15.96 5.09 9.69
C LEU B 17 16.13 4.56 8.27
N TYR B 18 15.13 4.78 7.41
CA TYR B 18 15.21 4.24 6.05
C TYR B 18 15.80 5.20 5.04
N LYS B 19 15.77 6.48 5.34
CA LYS B 19 16.49 7.42 4.51
C LYS B 19 17.95 6.94 4.54
N LEU B 20 18.36 6.46 5.70
CA LEU B 20 19.71 5.99 5.88
C LEU B 20 19.90 4.54 5.50
N LYS B 21 18.89 3.72 5.75
CA LYS B 21 19.00 2.28 5.48
C LYS B 21 18.88 1.94 3.99
N LEU B 22 18.03 2.68 3.29
CA LEU B 22 17.75 2.40 1.89
C LEU B 22 18.47 3.42 1.02
N GLY B 23 18.73 4.59 1.59
CA GLY B 23 19.41 5.67 0.90
C GLY B 23 18.41 6.62 0.27
N GLN B 24 17.19 6.15 0.06
CA GLN B 24 16.14 6.96 -0.54
C GLN B 24 14.95 6.99 0.38
N SER B 25 14.37 8.18 0.54
CA SER B 25 13.22 8.37 1.41
C SER B 25 12.02 7.49 1.01
N VAL B 26 11.31 6.96 2.00
CA VAL B 26 10.09 6.21 1.77
C VAL B 26 8.93 6.78 2.58
N THR B 27 7.76 6.23 2.35
CA THR B 27 6.58 6.69 3.06
C THR B 27 6.37 5.73 4.19
N THR B 28 6.63 6.22 5.39
CA THR B 28 6.56 5.40 6.60
C THR B 28 5.14 5.23 7.13
N ILE B 29 5.01 4.31 8.06
CA ILE B 29 3.73 4.02 8.67
C ILE B 29 3.95 4.11 10.18
N PRO B 30 2.89 4.44 10.93
CA PRO B 30 2.96 4.42 12.38
C PRO B 30 3.62 3.15 12.86
N THR B 31 4.81 3.31 13.44
CA THR B 31 5.60 2.20 13.95
C THR B 31 4.89 1.74 15.20
N VAL B 32 4.48 0.47 15.22
CA VAL B 32 3.74 -0.07 16.36
C VAL B 32 4.65 -0.74 17.37
N GLY B 33 5.45 -1.70 16.90
CA GLY B 33 6.49 -2.29 17.71
C GLY B 33 7.75 -1.46 17.57
N PHE B 34 8.70 -1.98 16.81
CA PHE B 34 10.00 -1.34 16.63
C PHE B 34 10.65 -1.76 15.31
N ASN B 35 11.60 -0.96 14.85
CA ASN B 35 12.50 -1.40 13.80
C ASN B 35 13.93 -1.26 14.30
N VAL B 36 14.82 -2.04 13.71
CA VAL B 36 16.25 -1.95 13.95
C VAL B 36 16.91 -2.30 12.63
N GLU B 37 17.98 -1.60 12.29
CA GLU B 37 18.68 -1.86 11.04
C GLU B 37 20.11 -1.36 11.19
N THR B 38 20.98 -1.83 10.31
CA THR B 38 22.40 -1.51 10.42
C THR B 38 22.88 -0.67 9.25
N VAL B 39 23.73 0.30 9.58
CA VAL B 39 24.25 1.22 8.59
C VAL B 39 25.76 1.43 8.75
N THR B 40 26.52 0.97 7.77
CA THR B 40 27.93 1.29 7.73
C THR B 40 28.08 2.69 7.17
N TYR B 41 28.73 3.57 7.91
CA TYR B 41 29.07 4.89 7.40
C TYR B 41 30.47 5.29 7.83
N LYS B 42 31.35 5.46 6.85
CA LYS B 42 32.75 5.78 7.10
C LYS B 42 33.40 4.68 7.93
N ASN B 43 33.21 3.44 7.48
CA ASN B 43 33.82 2.27 8.14
C ASN B 43 33.25 2.03 9.53
N VAL B 44 32.10 2.64 9.81
CA VAL B 44 31.45 2.50 11.11
C VAL B 44 30.04 1.96 10.97
N LYS B 45 29.78 0.81 11.62
CA LYS B 45 28.49 0.14 11.50
C LYS B 45 27.51 0.48 12.63
N PHE B 46 26.88 1.65 12.53
CA PHE B 46 25.83 2.02 13.46
C PHE B 46 24.79 0.90 13.49
N ASN B 47 24.12 0.76 14.62
CA ASN B 47 23.08 -0.24 14.77
C ASN B 47 21.86 0.44 15.41
N VAL B 48 21.03 1.05 14.56
CA VAL B 48 19.98 1.94 15.05
C VAL B 48 18.65 1.28 15.40
N TRP B 49 18.07 1.73 16.50
CA TRP B 49 16.89 1.14 17.11
C TRP B 49 15.70 2.09 17.11
N ASP B 50 14.75 1.81 16.23
CA ASP B 50 13.57 2.64 16.09
C ASP B 50 12.40 2.09 16.88
N VAL B 51 11.91 2.89 17.83
CA VAL B 51 10.81 2.47 18.68
C VAL B 51 9.66 3.50 18.67
N GLY B 52 8.43 3.00 18.62
CA GLY B 52 7.26 3.86 18.45
C GLY B 52 7.20 5.00 19.45
N GLY B 53 7.04 6.22 18.93
CA GLY B 53 7.05 7.41 19.76
C GLY B 53 5.67 7.94 20.09
N GLN B 54 4.65 7.12 19.84
CA GLN B 54 3.29 7.51 20.17
C GLN B 54 3.16 7.68 21.68
N ASP B 55 2.34 8.64 22.09
CA ASP B 55 2.12 8.88 23.52
C ASP B 55 2.02 7.56 24.27
N LYS B 56 1.24 6.64 23.73
CA LYS B 56 1.05 5.33 24.34
C LYS B 56 2.36 4.63 24.70
N ILE B 57 2.98 3.98 23.71
CA ILE B 57 4.12 3.10 23.94
C ILE B 57 5.44 3.82 24.19
N ARG B 58 5.43 4.80 25.09
CA ARG B 58 6.63 5.57 25.39
C ARG B 58 7.58 4.91 26.41
N PRO B 59 7.04 4.39 27.53
CA PRO B 59 7.88 3.81 28.59
C PRO B 59 8.48 2.44 28.27
N LEU B 60 8.46 2.02 27.01
CA LEU B 60 9.07 0.75 26.62
C LEU B 60 10.48 0.95 26.09
N TRP B 61 10.86 2.21 25.90
CA TRP B 61 12.19 2.56 25.41
C TRP B 61 13.29 2.30 26.45
N ARG B 62 12.93 2.33 27.73
CA ARG B 62 13.88 2.09 28.80
C ARG B 62 14.40 0.66 28.69
N HIS B 63 13.54 -0.20 28.15
CA HIS B 63 13.87 -1.58 27.84
C HIS B 63 15.00 -1.64 26.81
N TYR B 64 15.46 -0.47 26.37
CA TYR B 64 16.42 -0.36 25.28
C TYR B 64 17.66 0.41 25.67
N TYR B 65 17.59 1.13 26.79
CA TYR B 65 18.63 2.05 27.18
C TYR B 65 19.97 1.36 27.35
N THR B 66 19.98 0.23 28.04
CA THR B 66 21.23 -0.49 28.32
C THR B 66 21.90 -0.94 27.03
N GLY B 67 22.96 -0.22 26.66
CA GLY B 67 23.69 -0.53 25.44
C GLY B 67 23.95 0.70 24.59
N THR B 68 22.98 1.60 24.56
CA THR B 68 23.07 2.83 23.78
C THR B 68 24.37 3.58 24.07
N GLN B 69 24.87 4.31 23.07
CA GLN B 69 26.10 5.08 23.21
C GLN B 69 25.88 6.52 22.74
N GLY B 70 24.78 6.73 22.02
CA GLY B 70 24.40 8.04 21.54
C GLY B 70 22.89 8.18 21.46
N LEU B 71 22.37 9.26 22.04
CA LEU B 71 20.93 9.49 22.04
C LEU B 71 20.56 10.46 20.93
N ILE B 72 20.36 9.93 19.72
CA ILE B 72 19.76 10.74 18.69
C ILE B 72 18.37 11.09 19.15
N PHE B 73 18.17 12.33 19.59
CA PHE B 73 16.82 12.78 19.81
C PHE B 73 16.35 13.49 18.56
N VAL B 74 15.34 12.92 17.91
CA VAL B 74 14.84 13.48 16.67
C VAL B 74 13.62 14.33 16.98
N VAL B 75 13.55 15.48 16.32
CA VAL B 75 12.54 16.49 16.64
C VAL B 75 11.73 16.95 15.43
N ASP B 76 10.43 17.10 15.66
CA ASP B 76 9.52 17.74 14.73
C ASP B 76 9.51 19.25 15.05
N CYS B 77 10.24 20.03 14.24
CA CYS B 77 10.43 21.46 14.50
C CYS B 77 9.29 22.36 14.05
N ALA B 78 8.16 21.77 13.69
CA ALA B 78 6.98 22.55 13.30
C ALA B 78 5.93 22.48 14.40
N ASP B 79 5.68 21.27 14.87
CA ASP B 79 4.84 21.02 16.05
C ASP B 79 5.44 21.77 17.24
N ARG B 80 4.83 22.89 17.62
CA ARG B 80 5.28 23.66 18.78
C ARG B 80 4.39 23.41 19.99
N ASP B 81 3.31 22.65 19.79
CA ASP B 81 2.34 22.41 20.84
C ASP B 81 2.73 21.27 21.77
N ARG B 82 3.74 20.51 21.34
CA ARG B 82 4.28 19.46 22.19
C ARG B 82 5.77 19.72 22.36
N ILE B 83 6.19 20.92 21.98
CA ILE B 83 7.58 21.36 22.18
C ILE B 83 7.99 21.12 23.63
N ASP B 84 7.05 21.36 24.55
CA ASP B 84 7.30 21.15 25.97
C ASP B 84 7.14 19.67 26.32
N GLU B 85 6.09 19.07 25.77
CA GLU B 85 5.82 17.66 25.95
C GLU B 85 7.05 16.85 25.54
N ALA B 86 7.96 17.50 24.83
CA ALA B 86 9.14 16.84 24.28
C ALA B 86 10.45 17.37 24.86
N ARG B 87 10.46 18.62 25.32
CA ARG B 87 11.63 19.15 26.00
C ARG B 87 11.82 18.39 27.31
N GLN B 88 10.78 17.68 27.71
CA GLN B 88 10.75 16.92 28.96
C GLN B 88 11.19 15.46 28.76
N GLU B 89 10.62 14.81 27.76
CA GLU B 89 10.98 13.42 27.44
C GLU B 89 12.48 13.28 27.33
N LEU B 90 13.10 14.33 26.80
CA LEU B 90 14.55 14.42 26.65
C LEU B 90 15.24 14.30 28.01
N HIS B 91 14.82 15.12 28.96
CA HIS B 91 15.39 15.11 30.30
C HIS B 91 15.16 13.78 31.01
N ARG B 92 13.95 13.24 30.94
CA ARG B 92 13.66 11.93 31.53
C ARG B 92 14.51 10.83 30.91
N ILE B 93 14.72 10.91 29.60
CA ILE B 93 15.49 9.90 28.89
C ILE B 93 16.89 9.72 29.46
N ILE B 94 17.68 10.78 29.39
CA ILE B 94 19.10 10.73 29.77
C ILE B 94 19.33 10.73 31.29
N ASN B 95 18.34 11.18 32.05
CA ASN B 95 18.40 11.12 33.51
C ASN B 95 18.39 9.69 34.03
N ASP B 96 17.55 8.85 33.44
CA ASP B 96 17.46 7.46 33.86
C ASP B 96 18.87 6.83 33.83
N ARG B 97 19.24 6.22 34.96
CA ARG B 97 20.59 5.69 35.17
C ARG B 97 21.21 5.01 33.94
N GLU B 98 20.36 4.43 33.11
CA GLU B 98 20.83 3.78 31.90
C GLU B 98 21.71 4.72 31.09
N MSE B 99 21.14 5.87 30.72
CA MSE B 99 21.82 6.85 29.87
C MSE B 99 22.46 7.98 30.67
O MSE B 99 22.13 9.15 30.48
CB MSE B 99 20.83 7.46 28.86
CG MSE B 99 20.07 6.45 28.02
SE MSE B 99 21.24 5.25 27.05
CE MSE B 99 22.55 6.54 26.44
N ARG B 100 23.40 7.64 31.55
CA ARG B 100 24.09 8.66 32.33
C ARG B 100 25.10 9.41 31.47
N ASP B 101 25.98 8.69 30.79
CA ASP B 101 27.03 9.31 29.99
C ASP B 101 26.93 8.82 28.56
N ALA B 102 26.54 9.72 27.66
CA ALA B 102 26.36 9.36 26.24
C ALA B 102 26.24 10.61 25.38
N ILE B 103 27.00 10.65 24.30
CA ILE B 103 26.90 11.75 23.34
C ILE B 103 25.46 11.90 22.86
N ILE B 104 25.09 13.11 22.45
CA ILE B 104 23.68 13.43 22.21
C ILE B 104 23.43 14.25 20.94
N LEU B 105 23.18 13.57 19.82
CA LEU B 105 22.77 14.23 18.59
C LEU B 105 21.32 14.68 18.66
N ILE B 106 21.06 15.91 18.23
CA ILE B 106 19.73 16.49 18.21
C ILE B 106 19.37 16.83 16.78
N PHE B 107 18.42 16.09 16.20
CA PHE B 107 17.99 16.35 14.83
C PHE B 107 16.85 17.37 14.75
N ALA B 108 17.21 18.62 14.48
CA ALA B 108 16.20 19.63 14.20
C ALA B 108 15.60 19.30 12.85
N ASN B 109 14.92 18.16 12.78
CA ASN B 109 14.35 17.66 11.54
C ASN B 109 13.04 18.33 11.18
N LYS B 110 12.74 18.34 9.88
CA LYS B 110 11.58 19.03 9.33
C LYS B 110 11.86 20.52 9.16
N GLN B 111 13.08 20.84 8.75
CA GLN B 111 13.50 22.22 8.51
C GLN B 111 12.98 22.77 7.19
N ASP B 112 12.82 21.89 6.20
CA ASP B 112 12.32 22.26 4.90
C ASP B 112 10.94 22.90 5.00
N LEU B 113 10.25 22.61 6.09
CA LEU B 113 8.92 23.17 6.33
C LEU B 113 8.94 24.69 6.44
N PRO B 114 7.79 25.33 6.17
CA PRO B 114 7.58 26.77 6.28
C PRO B 114 7.94 27.31 7.67
N ASP B 115 7.13 27.00 8.67
CA ASP B 115 7.37 27.51 10.03
C ASP B 115 8.54 26.78 10.70
N ALA B 116 9.50 26.37 9.87
CA ALA B 116 10.67 25.64 10.35
C ALA B 116 11.36 26.36 11.48
N MSE B 117 11.39 25.72 12.64
CA MSE B 117 12.07 26.27 13.80
C MSE B 117 13.56 26.21 13.55
O MSE B 117 14.10 25.19 13.15
CB MSE B 117 11.71 25.44 15.04
CG MSE B 117 11.69 26.22 16.34
SE MSE B 117 11.13 25.09 17.82
CE MSE B 117 9.72 24.09 16.91
N LYS B 118 14.24 27.33 13.78
CA LYS B 118 15.69 27.42 13.58
C LYS B 118 16.45 26.52 14.56
N PRO B 119 17.63 26.05 14.15
CA PRO B 119 18.45 25.10 14.92
C PRO B 119 18.79 25.59 16.33
N HIS B 120 19.04 26.88 16.47
CA HIS B 120 19.41 27.45 17.76
C HIS B 120 18.21 27.51 18.71
N GLU B 121 17.06 27.90 18.17
CA GLU B 121 15.83 27.94 18.94
C GLU B 121 15.53 26.54 19.46
N ILE B 122 15.79 25.54 18.64
CA ILE B 122 15.69 24.15 19.05
C ILE B 122 16.51 23.94 20.32
N GLN B 123 17.79 24.29 20.23
CA GLN B 123 18.68 24.24 21.38
C GLN B 123 18.06 24.93 22.59
N GLU B 124 17.54 26.14 22.38
CA GLU B 124 16.87 26.89 23.42
C GLU B 124 15.60 26.19 23.92
N LYS B 125 14.63 25.98 23.02
CA LYS B 125 13.28 25.57 23.41
C LYS B 125 13.21 24.15 24.00
N LEU B 126 14.31 23.40 23.91
CA LEU B 126 14.38 22.09 24.54
C LEU B 126 14.93 22.19 25.95
N GLY B 127 15.73 23.23 26.20
CA GLY B 127 16.39 23.42 27.48
C GLY B 127 17.84 22.96 27.42
N LEU B 128 18.31 22.74 26.20
CA LEU B 128 19.66 22.24 25.97
C LEU B 128 20.73 23.25 26.39
N THR B 129 20.35 24.53 26.42
CA THR B 129 21.33 25.60 26.63
C THR B 129 22.00 25.59 28.00
N ARG B 130 21.22 25.38 29.07
CA ARG B 130 21.80 25.36 30.42
C ARG B 130 22.14 23.95 30.91
N ILE B 131 23.00 23.25 30.17
CA ILE B 131 23.40 21.90 30.56
C ILE B 131 24.87 21.62 30.20
N ARG B 132 25.62 21.07 31.17
CA ARG B 132 27.03 20.73 30.97
C ARG B 132 27.37 19.33 31.48
N ASP B 133 28.66 18.99 31.44
CA ASP B 133 29.13 17.64 31.71
C ASP B 133 28.63 16.69 30.62
N ARG B 134 28.34 17.26 29.45
CA ARG B 134 27.57 16.53 28.44
C ARG B 134 27.78 17.00 27.00
N ASN B 135 28.13 16.06 26.13
CA ASN B 135 28.16 16.27 24.69
C ASN B 135 26.74 16.34 24.12
N TRP B 136 26.34 17.53 23.68
CA TRP B 136 25.03 17.71 23.04
C TRP B 136 25.15 18.62 21.82
N TYR B 137 24.97 18.05 20.63
CA TYR B 137 25.10 18.81 19.38
C TYR B 137 23.77 18.86 18.62
N VAL B 138 23.46 20.03 18.06
CA VAL B 138 22.21 20.22 17.33
C VAL B 138 22.42 20.15 15.81
N GLN B 139 21.63 19.29 15.16
CA GLN B 139 21.81 18.99 13.74
C GLN B 139 20.54 19.29 12.96
N PRO B 140 20.56 20.36 12.15
CA PRO B 140 19.42 20.67 11.29
C PRO B 140 19.32 19.61 10.20
N SER B 141 18.12 19.07 10.00
CA SER B 141 17.97 18.02 9.01
C SER B 141 16.63 18.08 8.30
N CYS B 142 16.61 17.52 7.09
CA CYS B 142 15.38 17.08 6.49
C CYS B 142 15.55 15.60 6.24
N ALA B 143 14.67 14.81 6.83
CA ALA B 143 14.76 13.36 6.72
C ALA B 143 14.36 12.86 5.34
N THR B 144 13.43 13.54 4.69
CA THR B 144 12.96 13.13 3.36
C THR B 144 13.94 13.51 2.24
N SER B 145 14.75 14.53 2.49
CA SER B 145 15.81 14.94 1.56
C SER B 145 17.09 14.19 1.86
N GLY B 146 17.50 14.26 3.12
CA GLY B 146 18.73 13.64 3.59
C GLY B 146 19.58 14.69 4.27
N ASP B 147 19.15 15.94 4.20
CA ASP B 147 19.93 17.04 4.74
C ASP B 147 20.24 16.82 6.21
N GLY B 148 21.48 17.09 6.59
CA GLY B 148 21.88 17.03 8.00
C GLY B 148 22.27 15.66 8.51
N LEU B 149 21.45 14.65 8.17
CA LEU B 149 21.59 13.29 8.66
C LEU B 149 23.03 12.79 8.62
N TYR B 150 23.62 12.79 7.43
CA TYR B 150 24.98 12.29 7.24
C TYR B 150 26.04 13.29 7.72
N GLU B 151 25.58 14.43 8.21
CA GLU B 151 26.46 15.36 8.88
C GLU B 151 26.35 15.07 10.38
N GLY B 152 25.17 14.65 10.80
CA GLY B 152 24.93 14.23 12.16
C GLY B 152 25.68 12.94 12.45
N LEU B 153 25.74 12.05 11.46
CA LEU B 153 26.58 10.87 11.57
C LEU B 153 28.00 11.31 11.88
N THR B 154 28.52 12.21 11.06
CA THR B 154 29.83 12.80 11.26
C THR B 154 30.10 13.11 12.74
N TRP B 155 29.09 13.67 13.42
CA TRP B 155 29.23 14.01 14.84
C TRP B 155 29.26 12.76 15.73
N LEU B 156 28.28 11.87 15.55
CA LEU B 156 28.30 10.59 16.26
C LEU B 156 29.67 9.95 16.10
N THR B 157 30.04 9.69 14.85
CA THR B 157 31.33 9.12 14.51
C THR B 157 32.44 9.93 15.19
N SER B 158 32.72 11.10 14.65
CA SER B 158 33.74 12.00 15.19
C SER B 158 33.75 11.98 16.71
N ASN B 159 32.71 12.54 17.33
CA ASN B 159 32.67 12.67 18.79
C ASN B 159 32.42 11.37 19.53
N TYR B 160 33.17 10.33 19.16
CA TYR B 160 33.08 9.06 19.89
C TYR B 160 34.24 8.11 19.59
PG GTP C . 6.21 6.63 14.95
O1G GTP C . 4.83 6.69 15.57
O2G GTP C . 6.15 5.74 13.76
O3G GTP C . 7.12 6.04 15.99
O3B GTP C . 6.74 8.09 14.54
PB GTP C . 8.03 8.35 13.62
O1B GTP C . 9.04 9.33 14.19
O2B GTP C . 8.69 7.07 13.18
O3A GTP C . 7.43 9.21 12.40
PA GTP C . 7.87 8.90 10.89
O1A GTP C . 9.35 8.66 10.69
O2A GTP C . 6.99 7.72 10.54
O5' GTP C . 7.51 10.32 10.26
C5' GTP C . 6.32 10.98 10.67
C4' GTP C . 5.78 11.74 9.47
O4' GTP C . 6.56 12.91 9.34
C3' GTP C . 5.98 10.90 8.22
O3' GTP C . 4.85 10.97 7.38
C2' GTP C . 7.21 11.53 7.58
O2' GTP C . 7.24 11.43 6.18
C1' GTP C . 7.15 12.96 8.08
N9 GTP C . 8.53 13.49 8.11
C8 GTP C . 9.67 12.86 8.52
N7 GTP C . 10.71 13.72 8.33
C5 GTP C . 10.25 14.87 7.78
C6 GTP C . 10.86 16.06 7.38
O6 GTP C . 12.07 16.24 7.49
N1 GTP C . 10.10 17.07 6.83
C2 GTP C . 8.73 16.90 6.70
N2 GTP C . 7.99 17.87 6.17
N3 GTP C . 8.13 15.72 7.09
C4 GTP C . 8.88 14.73 7.63
MG MG D . 8.07 5.42 13.49
#